data_5YKN
#
_entry.id   5YKN
#
_cell.length_a   51.143
_cell.length_b   69.221
_cell.length_c   100.414
_cell.angle_alpha   90.00
_cell.angle_beta   104.26
_cell.angle_gamma   90.00
#
_symmetry.space_group_name_H-M   'P 1 21 1'
#
loop_
_entity.id
_entity.type
_entity.pdbx_description
1 polymer 'Probable lysine-specific demethylase JMJ14'
2 non-polymer 'NICKEL (II) ION'
3 non-polymer 'ZINC ION'
4 water water
#
_entity_poly.entity_id   1
_entity_poly.type   'polypeptide(L)'
_entity_poly.pdbx_seq_one_letter_code
;SSSPKITARWNPSEACRPLVDDAPIFYPTNEDFDDPLGYIEKLRSKAESYGICRIVPPVAWRPPCPLKEKKIWENSKFPT
RIQFIDLLQNREPIKKSTKTKKRKRRRISKIGYTRRKRDSGCDTASSGSSDSEGKFGFQTGPDFTLAAFQKYDEYFKECY
FQSEDHPGSKASENKKFKPKVKDLEGEYWRIVEQATDEVEVYYGADLETKKFGSGFPKYKPGYPISEADQYSQCGWNLNN
LSRLPGSVLAFESCDISGVIVPWLYVGMCFSTFCWHVEDHHLYSMNYLHTGDPKVWYGIPGNHAESFENVMKKRLPDLFE
EQPDLLHQLVTQLSPRILKEEGVPVYRAVQRSGEFILTFPKAYHSGFNCGFNCAEAVNVAPVDWLVHGQNAVEGYSKQRR
KSSLSHDKLLLGAAMEATYCLWELSLSKKKTPVIARWKRVCSEDGLLTKAVKKRVQMEEERLNHLQDGFSLRKMEGDFDN
KRERECFLCFYDLHMSASSCKCSPNRFACLIHAKDLCSCESKDRYILIRHTLDELWALVRALEGDLDAIDLWASKCRDQY
PSQH
;
_entity_poly.pdbx_strand_id   A
#
loop_
_chem_comp.id
_chem_comp.type
_chem_comp.name
_chem_comp.formula
NI non-polymer 'NICKEL (II) ION' 'Ni 2'
ZN non-polymer 'ZINC ION' 'Zn 2'
#
# COMPACT_ATOMS: atom_id res chain seq x y z
N ARG A 9 -31.20 -12.57 16.15
CA ARG A 9 -30.42 -13.07 15.03
C ARG A 9 -29.04 -13.50 15.48
N TRP A 10 -28.53 -12.81 16.50
CA TRP A 10 -27.30 -13.20 17.19
C TRP A 10 -27.47 -14.55 17.86
N ASN A 11 -26.50 -15.44 17.67
CA ASN A 11 -26.55 -16.77 18.28
C ASN A 11 -25.22 -17.12 18.94
N PRO A 12 -25.01 -16.64 20.18
CA PRO A 12 -23.75 -16.80 20.91
C PRO A 12 -23.40 -18.25 21.25
N SER A 13 -24.38 -19.14 21.28
CA SER A 13 -24.12 -20.54 21.60
C SER A 13 -23.37 -21.24 20.46
N GLU A 14 -23.51 -20.71 19.25
CA GLU A 14 -22.85 -21.30 18.10
C GLU A 14 -21.74 -20.40 17.56
N ALA A 15 -21.05 -19.70 18.47
CA ALA A 15 -19.96 -18.80 18.10
C ALA A 15 -18.82 -19.56 17.42
N CYS A 16 -18.13 -18.90 16.50
CA CYS A 16 -17.10 -19.55 15.70
C CYS A 16 -15.77 -18.78 15.70
N ARG A 17 -15.37 -18.25 16.84
CA ARG A 17 -14.12 -17.50 16.94
C ARG A 17 -12.92 -18.40 16.67
N PRO A 18 -12.08 -18.02 15.69
CA PRO A 18 -10.85 -18.76 15.43
C PRO A 18 -9.81 -18.51 16.53
N LEU A 19 -8.91 -19.47 16.72
CA LEU A 19 -7.85 -19.31 17.71
C LEU A 19 -6.60 -18.74 17.06
N VAL A 20 -6.48 -17.42 17.08
CA VAL A 20 -5.37 -16.75 16.41
C VAL A 20 -4.47 -16.02 17.41
N ASP A 21 -3.17 -16.28 17.31
CA ASP A 21 -2.20 -15.59 18.15
C ASP A 21 -2.14 -14.11 17.81
N ASP A 22 -1.87 -13.28 18.81
CA ASP A 22 -1.88 -11.83 18.63
C ASP A 22 -0.64 -11.31 17.94
N ALA A 23 -0.84 -10.38 17.01
CA ALA A 23 0.26 -9.65 16.40
C ALA A 23 0.91 -8.76 17.46
N PRO A 24 2.19 -8.42 17.27
CA PRO A 24 2.88 -7.60 18.29
C PRO A 24 2.29 -6.20 18.42
N ILE A 25 2.41 -5.63 19.61
CA ILE A 25 1.90 -4.29 19.90
C ILE A 25 3.05 -3.41 20.38
N PHE A 26 3.13 -2.18 19.88
CA PHE A 26 4.25 -1.30 20.22
C PHE A 26 3.82 0.01 20.86
N TYR A 27 4.64 0.48 21.79
CA TYR A 27 4.35 1.72 22.52
C TYR A 27 5.51 2.69 22.40
N PRO A 28 5.64 3.35 21.23
CA PRO A 28 6.71 4.30 20.93
C PRO A 28 6.67 5.52 21.84
N THR A 29 7.85 6.04 22.18
CA THR A 29 7.97 7.26 22.97
C THR A 29 7.66 8.47 22.10
N ASN A 30 7.67 9.65 22.70
CA ASN A 30 7.48 10.88 21.94
C ASN A 30 8.61 11.09 20.94
N GLU A 31 9.83 10.84 21.41
CA GLU A 31 11.02 10.92 20.57
C GLU A 31 10.91 9.97 19.40
N ASP A 32 10.46 8.75 19.67
CA ASP A 32 10.24 7.75 18.64
C ASP A 32 9.27 8.26 17.58
N PHE A 33 8.26 9.00 18.01
CA PHE A 33 7.26 9.50 17.08
C PHE A 33 7.70 10.76 16.36
N ASP A 34 8.78 11.39 16.84
CA ASP A 34 9.36 12.51 16.12
C ASP A 34 9.96 12.07 14.78
N ASP A 35 10.24 10.79 14.64
CA ASP A 35 10.85 10.25 13.42
C ASP A 35 10.17 8.97 12.94
N PRO A 36 9.06 9.10 12.20
CA PRO A 36 8.24 7.98 11.72
C PRO A 36 9.00 6.90 10.95
N LEU A 37 9.80 7.31 9.97
CA LEU A 37 10.52 6.36 9.12
C LEU A 37 11.53 5.52 9.90
N GLY A 38 12.30 6.18 10.77
CA GLY A 38 13.25 5.48 11.61
C GLY A 38 12.58 4.47 12.52
N TYR A 39 11.44 4.87 13.09
CA TYR A 39 10.70 3.98 13.98
C TYR A 39 10.15 2.78 13.22
N ILE A 40 9.64 3.00 12.02
CA ILE A 40 9.16 1.90 11.18
C ILE A 40 10.31 0.95 10.88
N GLU A 41 11.46 1.53 10.56
CA GLU A 41 12.67 0.76 10.27
C GLU A 41 13.06 -0.13 11.45
N LYS A 42 12.97 0.41 12.67
CA LYS A 42 13.26 -0.38 13.86
C LYS A 42 12.18 -1.42 14.14
N LEU A 43 10.95 -1.11 13.76
CA LEU A 43 9.83 -2.03 13.95
C LEU A 43 9.95 -3.22 13.03
N ARG A 44 10.66 -3.04 11.92
CA ARG A 44 10.81 -4.10 10.94
C ARG A 44 11.44 -5.38 11.51
N SER A 45 12.55 -5.24 12.23
CA SER A 45 13.24 -6.42 12.78
C SER A 45 12.35 -7.18 13.75
N LYS A 46 11.48 -6.46 14.44
CA LYS A 46 10.66 -7.03 15.50
C LYS A 46 9.32 -7.59 15.01
N ALA A 47 8.82 -7.08 13.89
CA ALA A 47 7.43 -7.38 13.51
C ALA A 47 7.21 -7.75 12.04
N GLU A 48 8.23 -7.68 11.20
CA GLU A 48 8.06 -7.99 9.79
C GLU A 48 7.70 -9.47 9.60
N SER A 49 8.16 -10.30 10.53
CA SER A 49 7.89 -11.72 10.47
C SER A 49 6.45 -12.06 10.82
N TYR A 50 5.68 -11.05 11.22
CA TYR A 50 4.28 -11.23 11.55
C TYR A 50 3.36 -10.75 10.44
N GLY A 51 3.82 -9.74 9.69
CA GLY A 51 3.04 -9.20 8.59
C GLY A 51 2.38 -7.89 8.94
N ILE A 52 1.84 -7.81 10.15
CA ILE A 52 1.21 -6.58 10.63
C ILE A 52 1.55 -6.32 12.10
N CYS A 53 1.36 -5.09 12.54
CA CYS A 53 1.53 -4.79 13.96
C CYS A 53 0.68 -3.60 14.36
N ARG A 54 0.32 -3.54 15.65
CA ARG A 54 -0.45 -2.44 16.18
C ARG A 54 0.47 -1.40 16.82
N ILE A 55 0.21 -0.13 16.56
CA ILE A 55 1.01 0.94 17.11
C ILE A 55 0.16 1.93 17.91
N VAL A 56 0.46 2.03 19.20
CA VAL A 56 -0.20 2.97 20.08
C VAL A 56 0.64 4.24 20.25
N PRO A 57 0.13 5.37 19.77
CA PRO A 57 0.79 6.67 19.92
C PRO A 57 1.04 7.00 21.38
N PRO A 58 2.03 7.87 21.68
CA PRO A 58 2.28 8.25 23.07
C PRO A 58 1.07 8.93 23.69
N VAL A 59 0.96 8.89 25.02
CA VAL A 59 -0.17 9.45 25.73
C VAL A 59 -0.42 10.90 25.33
N ALA A 60 -1.71 11.21 25.11
CA ALA A 60 -2.20 12.55 24.76
C ALA A 60 -1.94 12.95 23.30
N TRP A 61 -1.32 12.06 22.53
CA TRP A 61 -1.23 12.31 21.08
C TRP A 61 -2.54 11.87 20.44
N ARG A 62 -3.40 12.84 20.16
CA ARG A 62 -4.66 12.55 19.50
C ARG A 62 -5.17 13.79 18.79
N PRO A 63 -4.97 13.85 17.47
CA PRO A 63 -5.33 15.02 16.66
C PRO A 63 -6.83 15.24 16.62
N PRO A 64 -7.26 16.51 16.49
CA PRO A 64 -8.68 16.80 16.30
C PRO A 64 -9.15 16.29 14.95
N CYS A 65 -10.44 15.99 14.83
CA CYS A 65 -10.97 15.43 13.60
C CYS A 65 -11.95 16.40 12.93
N PRO A 66 -11.50 17.04 11.83
CA PRO A 66 -12.31 17.99 11.06
C PRO A 66 -13.63 17.41 10.55
N LEU A 67 -13.67 16.09 10.36
CA LEU A 67 -14.87 15.43 9.86
C LEU A 67 -16.05 15.54 10.84
N LYS A 68 -15.74 15.81 12.11
CA LYS A 68 -16.78 15.86 13.14
C LYS A 68 -17.56 17.17 13.12
N GLU A 69 -17.04 18.17 12.42
CA GLU A 69 -17.76 19.42 12.24
C GLU A 69 -19.03 19.17 11.43
N LYS A 70 -20.14 19.74 11.88
CA LYS A 70 -21.46 19.40 11.35
C LYS A 70 -21.66 19.72 9.87
N LYS A 71 -20.84 20.61 9.33
CA LYS A 71 -20.90 20.92 7.90
C LYS A 71 -20.52 19.70 7.08
N ILE A 72 -19.71 18.83 7.66
CA ILE A 72 -19.30 17.59 7.01
C ILE A 72 -20.03 16.39 7.60
N TRP A 73 -20.07 16.33 8.93
CA TRP A 73 -20.66 15.21 9.65
C TRP A 73 -22.13 15.00 9.29
N GLU A 74 -22.85 16.11 9.09
CA GLU A 74 -24.29 16.05 8.89
C GLU A 74 -24.71 16.23 7.44
N ASN A 75 -23.87 16.86 6.62
CA ASN A 75 -24.28 17.25 5.27
C ASN A 75 -23.47 16.64 4.14
N SER A 76 -22.27 16.13 4.43
CA SER A 76 -21.42 15.58 3.38
C SER A 76 -21.77 14.13 3.06
N LYS A 77 -21.97 13.86 1.78
CA LYS A 77 -22.48 12.57 1.32
C LYS A 77 -21.40 11.67 0.74
N PHE A 78 -21.50 10.38 1.02
CA PHE A 78 -20.60 9.38 0.44
C PHE A 78 -21.39 8.15 0.03
N PRO A 79 -20.98 7.49 -1.06
CA PRO A 79 -21.69 6.30 -1.52
C PRO A 79 -21.25 5.05 -0.76
N THR A 80 -22.11 4.05 -0.70
CA THR A 80 -21.77 2.81 -0.03
C THR A 80 -21.96 1.63 -0.97
N ARG A 81 -21.44 0.47 -0.55
CA ARG A 81 -21.71 -0.76 -1.27
C ARG A 81 -22.25 -1.81 -0.33
N ILE A 82 -22.91 -2.82 -0.88
CA ILE A 82 -23.56 -3.84 -0.07
C ILE A 82 -22.73 -5.10 0.02
N GLN A 83 -22.50 -5.56 1.24
CA GLN A 83 -21.79 -6.81 1.48
C GLN A 83 -22.73 -7.86 2.07
N PHE A 84 -22.72 -9.03 1.46
CA PHE A 84 -23.46 -10.17 1.99
C PHE A 84 -22.49 -11.07 2.74
N ILE A 85 -22.42 -10.87 4.06
CA ILE A 85 -21.43 -11.54 4.91
C ILE A 85 -21.54 -13.06 4.83
N ASP A 86 -22.76 -13.54 4.62
CA ASP A 86 -23.01 -14.97 4.56
C ASP A 86 -22.47 -15.61 3.29
N LEU A 87 -22.09 -14.78 2.31
CA LEU A 87 -21.60 -15.28 1.02
C LEU A 87 -20.11 -15.03 0.81
N LEU A 88 -19.45 -14.45 1.80
CA LEU A 88 -18.06 -14.02 1.65
C LEU A 88 -17.08 -15.18 1.43
N GLN A 89 -17.36 -16.31 2.07
CA GLN A 89 -16.50 -17.48 1.93
C GLN A 89 -17.16 -18.59 1.11
N ASN A 90 -18.41 -18.89 1.45
CA ASN A 90 -19.14 -19.97 0.81
C ASN A 90 -20.21 -19.49 -0.15
N ARG A 91 -19.95 -19.65 -1.44
CA ARG A 91 -20.91 -19.27 -2.47
C ARG A 91 -20.68 -20.07 -3.75
N PHE A 136 -19.66 -12.07 -9.07
CA PHE A 136 -19.91 -11.65 -7.69
C PHE A 136 -19.06 -10.44 -7.33
N GLY A 137 -19.71 -9.43 -6.75
CA GLY A 137 -19.03 -8.24 -6.29
C GLY A 137 -19.96 -7.49 -5.34
N PHE A 138 -19.46 -6.40 -4.77
CA PHE A 138 -20.28 -5.61 -3.86
C PHE A 138 -21.10 -4.58 -4.63
N GLN A 139 -22.42 -4.76 -4.61
CA GLN A 139 -23.36 -3.92 -5.33
C GLN A 139 -23.49 -2.52 -4.72
N THR A 140 -23.99 -1.56 -5.51
CA THR A 140 -24.26 -0.21 -5.04
C THR A 140 -25.25 -0.18 -3.86
N GLY A 141 -24.88 0.55 -2.81
CA GLY A 141 -25.78 0.77 -1.69
C GLY A 141 -26.28 2.20 -1.67
N PRO A 142 -27.05 2.58 -0.64
CA PRO A 142 -27.59 3.94 -0.55
C PRO A 142 -26.50 4.96 -0.17
N ASP A 143 -26.77 6.24 -0.42
CA ASP A 143 -25.85 7.30 0.00
C ASP A 143 -26.05 7.60 1.48
N PHE A 144 -24.95 7.92 2.17
CA PHE A 144 -24.99 8.18 3.60
C PHE A 144 -24.23 9.43 3.99
N THR A 145 -24.61 10.02 5.11
CA THR A 145 -23.73 10.94 5.82
C THR A 145 -23.17 10.18 7.01
N LEU A 146 -22.17 10.74 7.68
CA LEU A 146 -21.57 10.06 8.82
C LEU A 146 -22.57 9.94 9.96
N ALA A 147 -23.37 10.98 10.15
CA ALA A 147 -24.42 10.98 11.16
C ALA A 147 -25.46 9.90 10.87
N ALA A 148 -25.95 9.89 9.63
CA ALA A 148 -26.95 8.92 9.21
C ALA A 148 -26.43 7.49 9.31
N PHE A 149 -25.18 7.29 8.93
CA PHE A 149 -24.58 5.96 8.94
C PHE A 149 -24.35 5.47 10.36
N GLN A 150 -23.94 6.37 11.25
CA GLN A 150 -23.78 6.03 12.66
C GLN A 150 -25.14 5.64 13.26
N LYS A 151 -26.16 6.43 12.92
CA LYS A 151 -27.52 6.18 13.37
C LYS A 151 -28.00 4.79 12.93
N TYR A 152 -27.80 4.48 11.65
CA TYR A 152 -28.21 3.18 11.13
C TYR A 152 -27.40 2.05 11.77
N ASP A 153 -26.14 2.30 12.10
CA ASP A 153 -25.34 1.28 12.76
C ASP A 153 -25.90 0.99 14.14
N GLU A 154 -26.31 2.05 14.85
CA GLU A 154 -26.94 1.87 16.15
C GLU A 154 -28.22 1.04 16.01
N TYR A 155 -29.07 1.42 15.06
CA TYR A 155 -30.30 0.69 14.80
C TYR A 155 -30.03 -0.79 14.54
N PHE A 156 -29.10 -1.05 13.66
CA PHE A 156 -28.75 -2.40 13.30
C PHE A 156 -28.27 -3.23 14.46
N LYS A 157 -27.38 -2.70 15.27
CA LYS A 157 -26.85 -3.41 16.40
C LYS A 157 -27.91 -3.74 17.43
N GLU A 158 -28.78 -2.80 17.72
CA GLU A 158 -29.88 -3.04 18.64
C GLU A 158 -30.87 -4.08 18.13
N CYS A 159 -31.23 -4.04 16.86
CA CYS A 159 -32.04 -5.11 16.30
C CYS A 159 -31.35 -6.44 16.27
N TYR A 160 -30.09 -6.45 15.87
CA TYR A 160 -29.36 -7.68 15.74
C TYR A 160 -29.00 -8.42 17.01
N PHE A 161 -28.61 -7.69 18.02
CA PHE A 161 -28.06 -8.29 19.21
C PHE A 161 -29.00 -8.29 20.39
N GLN A 162 -30.26 -7.98 20.18
CA GLN A 162 -31.25 -8.09 21.25
C GLN A 162 -32.56 -8.63 20.74
N PRO A 179 -22.40 -6.20 24.06
CA PRO A 179 -21.69 -7.09 23.13
C PRO A 179 -20.24 -6.67 22.94
N LYS A 180 -19.31 -7.48 23.45
CA LYS A 180 -17.89 -7.15 23.38
C LYS A 180 -17.27 -7.64 22.08
N VAL A 181 -15.99 -7.31 21.89
CA VAL A 181 -15.29 -7.58 20.64
C VAL A 181 -15.28 -9.07 20.26
N LYS A 182 -15.02 -9.94 21.24
CA LYS A 182 -14.90 -11.37 20.97
C LYS A 182 -16.24 -12.02 20.64
N ASP A 183 -17.32 -11.51 21.22
CA ASP A 183 -18.66 -11.94 20.86
C ASP A 183 -18.91 -11.61 19.38
N LEU A 184 -18.62 -10.37 19.02
CA LEU A 184 -18.76 -9.89 17.66
C LEU A 184 -17.95 -10.71 16.68
N GLU A 185 -16.74 -11.09 17.08
CA GLU A 185 -15.87 -11.91 16.24
C GLU A 185 -16.46 -13.30 16.02
N GLY A 186 -16.87 -13.92 17.12
CA GLY A 186 -17.50 -15.23 17.07
C GLY A 186 -18.73 -15.26 16.19
N GLU A 187 -19.57 -14.24 16.31
CA GLU A 187 -20.79 -14.15 15.50
C GLU A 187 -20.46 -13.88 14.04
N TYR A 188 -19.50 -13.00 13.79
CA TYR A 188 -19.07 -12.68 12.43
C TYR A 188 -18.66 -13.96 11.71
N TRP A 189 -17.75 -14.70 12.33
CA TRP A 189 -17.28 -15.93 11.70
C TRP A 189 -18.34 -17.01 11.68
N ARG A 190 -19.31 -16.94 12.58
CA ARG A 190 -20.45 -17.85 12.50
C ARG A 190 -21.25 -17.58 11.22
N ILE A 191 -21.45 -16.31 10.92
CA ILE A 191 -22.17 -15.91 9.71
C ILE A 191 -21.39 -16.32 8.46
N VAL A 192 -20.09 -16.06 8.46
CA VAL A 192 -19.26 -16.37 7.30
C VAL A 192 -19.16 -17.88 7.05
N GLU A 193 -18.89 -18.65 8.10
CA GLU A 193 -18.60 -20.07 7.95
C GLU A 193 -19.83 -20.95 7.75
N GLN A 194 -20.88 -20.67 8.51
CA GLN A 194 -22.06 -21.53 8.52
C GLN A 194 -23.33 -20.72 8.72
N ALA A 195 -23.70 -19.96 7.69
CA ALA A 195 -24.80 -19.00 7.78
C ALA A 195 -26.16 -19.66 7.96
N THR A 196 -26.87 -19.24 9.01
CA THR A 196 -28.25 -19.65 9.23
C THR A 196 -29.16 -18.78 8.36
N ASP A 197 -28.86 -17.50 8.30
CA ASP A 197 -29.65 -16.55 7.51
C ASP A 197 -28.77 -15.56 6.76
N GLU A 198 -29.39 -14.77 5.88
CA GLU A 198 -28.66 -13.77 5.13
C GLU A 198 -28.42 -12.54 5.99
N VAL A 199 -27.20 -12.01 5.92
CA VAL A 199 -26.83 -10.80 6.63
C VAL A 199 -26.17 -9.83 5.66
N GLU A 200 -26.79 -8.68 5.46
CA GLU A 200 -26.22 -7.68 4.58
C GLU A 200 -25.85 -6.43 5.36
N VAL A 201 -24.71 -5.84 5.02
CA VAL A 201 -24.28 -4.60 5.66
C VAL A 201 -23.73 -3.63 4.61
N TYR A 202 -23.61 -2.37 4.98
CA TYR A 202 -23.10 -1.35 4.06
C TYR A 202 -21.64 -1.01 4.36
N TYR A 203 -20.89 -0.66 3.33
CA TYR A 203 -19.50 -0.29 3.51
C TYR A 203 -19.15 0.92 2.63
N GLY A 204 -18.63 1.97 3.26
CA GLY A 204 -18.12 3.12 2.54
C GLY A 204 -16.62 3.00 2.44
N ALA A 205 -16.14 2.46 1.32
CA ALA A 205 -14.72 2.19 1.15
C ALA A 205 -14.09 3.03 0.06
N ASP A 206 -12.77 3.20 0.15
CA ASP A 206 -11.97 3.93 -0.85
C ASP A 206 -12.53 5.32 -1.11
N LEU A 207 -13.02 5.98 -0.07
CA LEU A 207 -13.46 7.36 -0.19
C LEU A 207 -12.24 8.26 -0.32
N GLU A 208 -12.31 9.24 -1.22
CA GLU A 208 -11.16 10.11 -1.49
C GLU A 208 -11.15 11.33 -0.57
N THR A 209 -10.11 11.48 0.24
CA THR A 209 -10.09 12.57 1.19
C THR A 209 -10.00 13.95 0.55
N LYS A 210 -9.86 14.02 -0.78
CA LYS A 210 -9.75 15.29 -1.47
C LYS A 210 -11.08 16.02 -1.58
N LYS A 211 -12.13 15.28 -1.90
CA LYS A 211 -13.47 15.84 -2.03
C LYS A 211 -14.08 16.01 -0.64
N PHE A 212 -14.09 14.92 0.12
CA PHE A 212 -14.79 14.83 1.40
C PHE A 212 -14.07 15.58 2.53
N GLY A 213 -12.74 15.48 2.52
CA GLY A 213 -11.94 16.02 3.60
C GLY A 213 -11.18 14.91 4.31
N SER A 214 -10.09 15.27 4.95
CA SER A 214 -9.29 14.29 5.68
C SER A 214 -9.71 14.22 7.14
N GLY A 215 -9.39 13.11 7.80
CA GLY A 215 -9.65 12.97 9.22
C GLY A 215 -8.62 13.72 10.03
N PHE A 216 -7.52 14.07 9.37
CA PHE A 216 -6.44 14.83 10.01
C PHE A 216 -6.57 16.31 9.73
N PRO A 217 -6.14 17.16 10.68
CA PRO A 217 -6.20 18.61 10.49
C PRO A 217 -5.28 19.09 9.38
N LYS A 218 -5.65 20.20 8.74
CA LYS A 218 -4.81 20.85 7.75
C LYS A 218 -4.46 22.24 8.24
N TYR A 219 -3.30 22.77 7.83
CA TYR A 219 -2.94 24.12 8.23
C TYR A 219 -3.79 25.14 7.48
N LYS A 220 -4.33 26.10 8.23
CA LYS A 220 -5.11 27.18 7.65
C LYS A 220 -4.55 28.53 8.08
N PRO A 221 -4.10 29.33 7.11
CA PRO A 221 -3.51 30.64 7.40
C PRO A 221 -4.51 31.65 7.95
N GLY A 222 -4.06 32.54 8.82
CA GLY A 222 -4.91 33.59 9.36
C GLY A 222 -5.60 33.22 10.66
N TYR A 223 -5.13 32.17 11.30
CA TYR A 223 -5.72 31.71 12.56
C TYR A 223 -4.71 31.79 13.71
N PRO A 224 -5.21 31.92 14.95
CA PRO A 224 -4.33 31.86 16.11
C PRO A 224 -3.65 30.49 16.22
N ILE A 225 -2.48 30.45 16.85
CA ILE A 225 -1.74 29.21 17.01
C ILE A 225 -2.48 28.23 17.93
N SER A 226 -2.58 26.98 17.49
CA SER A 226 -3.23 25.93 18.28
C SER A 226 -2.48 24.62 18.13
N GLU A 227 -2.89 23.60 18.89
CA GLU A 227 -2.26 22.29 18.78
C GLU A 227 -2.57 21.67 17.42
N ALA A 228 -3.68 22.09 16.82
CA ALA A 228 -4.12 21.58 15.53
C ALA A 228 -3.06 21.80 14.45
N ASP A 229 -2.41 22.96 14.48
CA ASP A 229 -1.35 23.27 13.53
C ASP A 229 -0.20 22.28 13.67
N GLN A 230 0.19 22.04 14.92
CA GLN A 230 1.26 21.08 15.22
C GLN A 230 0.91 19.69 14.70
N TYR A 231 -0.34 19.28 14.90
CA TYR A 231 -0.79 18.00 14.37
C TYR A 231 -0.77 17.99 12.84
N SER A 232 -1.05 19.14 12.24
CA SER A 232 -1.10 19.25 10.79
C SER A 232 0.31 19.14 10.20
N GLN A 233 1.31 19.54 10.98
CA GLN A 233 2.70 19.44 10.55
C GLN A 233 3.33 18.06 10.82
N CYS A 234 2.65 17.25 11.64
CA CYS A 234 3.23 16.00 12.13
C CYS A 234 3.49 14.98 11.02
N GLY A 235 4.55 14.20 11.18
CA GLY A 235 4.91 13.18 10.21
C GLY A 235 4.00 11.96 10.26
N TRP A 236 3.34 11.75 11.40
CA TRP A 236 2.41 10.63 11.54
C TRP A 236 1.02 11.00 11.03
N ASN A 237 0.81 12.28 10.76
CA ASN A 237 -0.34 12.71 9.98
C ASN A 237 -0.24 12.03 8.62
N LEU A 238 -1.25 11.25 8.26
CA LEU A 238 -1.18 10.40 7.07
C LEU A 238 -1.12 11.21 5.77
N ASN A 239 -1.46 12.48 5.83
CA ASN A 239 -1.34 13.35 4.68
C ASN A 239 0.12 13.70 4.37
N ASN A 240 0.99 13.57 5.37
CA ASN A 240 2.40 13.92 5.23
C ASN A 240 3.33 12.72 5.10
N LEU A 241 2.84 11.54 5.48
CA LEU A 241 3.69 10.36 5.62
C LEU A 241 4.33 9.88 4.31
N SER A 242 3.54 9.86 3.24
CA SER A 242 3.97 9.28 1.97
C SER A 242 5.20 9.97 1.37
N ARG A 243 5.28 11.29 1.52
CA ARG A 243 6.34 12.05 0.86
C ARG A 243 7.42 12.56 1.81
N LEU A 244 7.50 11.96 3.00
CA LEU A 244 8.60 12.27 3.91
C LEU A 244 9.92 11.82 3.31
N PRO A 245 10.99 12.60 3.53
CA PRO A 245 12.31 12.23 3.02
C PRO A 245 12.75 10.88 3.59
N GLY A 246 12.99 9.93 2.70
CA GLY A 246 13.27 8.56 3.10
C GLY A 246 12.26 7.63 2.45
N SER A 247 11.12 8.20 2.07
CA SER A 247 10.09 7.48 1.34
C SER A 247 10.15 7.88 -0.14
N VAL A 248 10.38 6.91 -1.02
CA VAL A 248 10.63 7.21 -2.43
C VAL A 248 9.38 7.72 -3.14
N LEU A 249 8.23 7.59 -2.49
CA LEU A 249 6.98 8.13 -3.03
C LEU A 249 7.04 9.64 -3.18
N ALA A 250 8.03 10.26 -2.53
CA ALA A 250 8.25 11.69 -2.65
C ALA A 250 8.66 12.08 -4.07
N PHE A 251 9.10 11.10 -4.85
CA PHE A 251 9.56 11.38 -6.21
C PHE A 251 8.47 11.12 -7.24
N GLU A 252 7.25 10.94 -6.76
CA GLU A 252 6.09 10.92 -7.62
C GLU A 252 5.33 12.23 -7.48
N SER A 253 5.26 12.98 -8.57
CA SER A 253 4.67 14.32 -8.55
C SER A 253 3.15 14.28 -8.47
N CYS A 254 2.54 13.27 -9.08
CA CYS A 254 1.09 13.13 -9.08
C CYS A 254 0.57 12.74 -7.70
N ASP A 255 -0.51 13.38 -7.26
CA ASP A 255 -1.14 13.03 -5.99
C ASP A 255 -2.04 11.80 -6.16
N ILE A 256 -1.41 10.65 -6.35
CA ILE A 256 -2.13 9.39 -6.54
C ILE A 256 -3.03 9.07 -5.34
N SER A 257 -4.31 8.83 -5.62
CA SER A 257 -5.26 8.47 -4.57
C SER A 257 -4.94 7.12 -3.95
N GLY A 258 -5.04 7.03 -2.63
CA GLY A 258 -4.76 5.81 -1.91
C GLY A 258 -3.28 5.62 -1.63
N VAL A 259 -2.46 5.81 -2.66
CA VAL A 259 -1.02 5.59 -2.55
C VAL A 259 -0.31 6.74 -1.82
N ILE A 260 -0.64 7.97 -2.19
CA ILE A 260 0.03 9.14 -1.66
C ILE A 260 -0.94 10.05 -0.91
N VAL A 261 -2.15 10.17 -1.43
CA VAL A 261 -3.23 10.87 -0.73
C VAL A 261 -4.14 9.83 -0.10
N PRO A 262 -4.29 9.90 1.24
CA PRO A 262 -5.01 8.89 2.02
C PRO A 262 -6.45 8.64 1.58
N TRP A 263 -6.90 7.40 1.71
CA TRP A 263 -8.30 7.06 1.49
C TRP A 263 -9.02 6.96 2.83
N LEU A 264 -10.32 7.22 2.80
CA LEU A 264 -11.16 7.12 4.00
C LEU A 264 -12.08 5.91 3.90
N TYR A 265 -12.26 5.22 5.03
CA TYR A 265 -13.15 4.08 5.10
C TYR A 265 -14.17 4.27 6.22
N VAL A 266 -15.45 4.26 5.86
CA VAL A 266 -16.51 4.36 6.85
C VAL A 266 -17.19 3.01 6.98
N GLY A 267 -17.09 2.43 8.17
CA GLY A 267 -17.61 1.09 8.39
C GLY A 267 -18.73 1.01 9.40
N MET A 268 -19.51 -0.06 9.32
CA MET A 268 -20.50 -0.40 10.32
C MET A 268 -20.24 -1.82 10.79
N CYS A 269 -21.10 -2.33 11.68
CA CYS A 269 -20.96 -3.67 12.21
C CYS A 269 -20.86 -4.71 11.10
N PHE A 270 -19.82 -5.55 11.18
CA PHE A 270 -19.54 -6.64 10.24
C PHE A 270 -18.99 -6.19 8.88
N SER A 271 -18.85 -4.89 8.66
CA SER A 271 -18.24 -4.38 7.43
C SER A 271 -16.87 -5.01 7.22
N THR A 272 -16.62 -5.55 6.03
CA THR A 272 -15.46 -6.39 5.80
C THR A 272 -14.51 -5.87 4.72
N PHE A 273 -13.21 -5.85 5.04
CA PHE A 273 -12.19 -5.75 4.00
C PHE A 273 -11.53 -7.12 3.86
N CYS A 274 -11.77 -7.76 2.72
CA CYS A 274 -11.35 -9.14 2.50
C CYS A 274 -9.84 -9.28 2.37
N TRP A 275 -9.39 -10.52 2.16
CA TRP A 275 -7.97 -10.80 2.02
C TRP A 275 -7.37 -10.09 0.81
N HIS A 276 -6.31 -9.33 1.04
CA HIS A 276 -5.58 -8.68 -0.04
C HIS A 276 -4.20 -8.23 0.38
N VAL A 277 -3.43 -7.79 -0.61
CA VAL A 277 -2.12 -7.24 -0.40
C VAL A 277 -2.06 -5.88 -1.12
N GLU A 278 -1.18 -5.00 -0.65
CA GLU A 278 -1.10 -3.65 -1.21
C GLU A 278 -0.56 -3.66 -2.63
N ASP A 279 -0.93 -2.63 -3.39
CA ASP A 279 -0.39 -2.44 -4.73
C ASP A 279 1.12 -2.24 -4.65
N HIS A 280 1.85 -2.93 -5.53
CA HIS A 280 3.32 -2.88 -5.56
C HIS A 280 3.94 -3.33 -4.24
N HIS A 281 3.15 -4.03 -3.42
CA HIS A 281 3.59 -4.57 -2.15
C HIS A 281 4.22 -3.50 -1.26
N LEU A 282 3.58 -2.34 -1.22
CA LEU A 282 4.02 -1.20 -0.43
C LEU A 282 3.75 -1.38 1.06
N TYR A 283 4.31 -0.50 1.89
CA TYR A 283 3.90 -0.45 3.28
C TYR A 283 2.54 0.21 3.35
N SER A 284 1.69 -0.25 4.26
CA SER A 284 0.40 0.41 4.46
C SER A 284 0.24 0.87 5.91
N MET A 285 -0.15 2.12 6.09
CA MET A 285 -0.41 2.66 7.42
C MET A 285 -1.87 3.06 7.54
N ASN A 286 -2.51 2.59 8.62
CA ASN A 286 -3.93 2.84 8.85
C ASN A 286 -4.16 3.48 10.21
N TYR A 287 -4.95 4.55 10.27
CA TYR A 287 -5.28 5.19 11.53
C TYR A 287 -6.78 5.14 11.78
N LEU A 288 -7.18 4.75 12.99
CA LEU A 288 -8.60 4.74 13.30
C LEU A 288 -9.02 6.03 14.00
N HIS A 289 -9.71 6.91 13.26
CA HIS A 289 -10.05 8.23 13.77
C HIS A 289 -11.06 8.20 14.91
N THR A 290 -12.16 7.47 14.72
CA THR A 290 -13.23 7.44 15.69
C THR A 290 -14.13 6.22 15.52
N GLY A 291 -14.87 5.88 16.55
CA GLY A 291 -15.83 4.79 16.48
C GLY A 291 -15.37 3.49 17.11
N ASP A 292 -16.10 2.42 16.79
CA ASP A 292 -15.85 1.10 17.37
C ASP A 292 -14.59 0.45 16.78
N PRO A 293 -14.04 -0.55 17.49
CA PRO A 293 -12.80 -1.22 17.05
C PRO A 293 -12.89 -1.89 15.68
N LYS A 294 -11.70 -2.18 15.13
CA LYS A 294 -11.57 -2.90 13.87
C LYS A 294 -10.65 -4.10 14.08
N VAL A 295 -11.13 -5.28 13.75
CA VAL A 295 -10.34 -6.50 13.91
C VAL A 295 -9.56 -6.84 12.64
N TRP A 296 -8.25 -7.02 12.80
CA TRP A 296 -7.33 -7.32 11.70
C TRP A 296 -6.74 -8.72 11.80
N TYR A 297 -6.62 -9.38 10.65
CA TYR A 297 -5.85 -10.61 10.52
C TYR A 297 -4.78 -10.40 9.47
N GLY A 298 -3.56 -10.86 9.75
CA GLY A 298 -2.43 -10.64 8.85
C GLY A 298 -1.57 -11.87 8.62
N ILE A 299 -0.99 -11.94 7.43
CA ILE A 299 -0.09 -13.02 7.04
C ILE A 299 1.29 -12.46 6.76
N PRO A 300 2.34 -13.10 7.31
CA PRO A 300 3.72 -12.70 7.00
C PRO A 300 3.99 -12.68 5.50
N GLY A 301 4.82 -11.75 5.05
CA GLY A 301 5.13 -11.61 3.63
C GLY A 301 5.76 -12.85 3.04
N ASN A 302 6.68 -13.45 3.78
CA ASN A 302 7.40 -14.64 3.32
C ASN A 302 6.50 -15.86 3.17
N HIS A 303 5.24 -15.74 3.58
CA HIS A 303 4.28 -16.82 3.45
C HIS A 303 3.19 -16.49 2.43
N ALA A 304 3.30 -15.32 1.80
CA ALA A 304 2.32 -14.87 0.81
C ALA A 304 1.96 -15.96 -0.17
N GLU A 305 2.99 -16.46 -0.87
CA GLU A 305 2.82 -17.56 -1.83
C GLU A 305 1.99 -18.69 -1.24
N SER A 306 2.40 -19.16 -0.05
CA SER A 306 1.69 -20.23 0.64
C SER A 306 0.21 -19.91 0.70
N PHE A 307 -0.11 -18.74 1.26
CA PHE A 307 -1.48 -18.28 1.38
C PHE A 307 -2.20 -18.43 0.06
N GLU A 308 -1.59 -17.87 -0.99
CA GLU A 308 -2.19 -17.90 -2.32
C GLU A 308 -2.56 -19.32 -2.69
N ASN A 309 -1.60 -20.24 -2.56
CA ASN A 309 -1.84 -21.63 -2.92
C ASN A 309 -3.03 -22.20 -2.14
N VAL A 310 -3.08 -21.92 -0.84
CA VAL A 310 -4.16 -22.41 0.00
C VAL A 310 -5.49 -21.90 -0.50
N MET A 311 -5.51 -20.64 -0.94
CA MET A 311 -6.73 -20.04 -1.47
C MET A 311 -7.21 -20.85 -2.69
N LYS A 312 -6.26 -21.30 -3.50
CA LYS A 312 -6.57 -22.10 -4.68
C LYS A 312 -7.02 -23.51 -4.30
N LYS A 313 -6.61 -23.96 -3.12
CA LYS A 313 -6.81 -25.34 -2.70
C LYS A 313 -7.98 -25.52 -1.72
N ARG A 314 -8.41 -24.44 -1.07
CA ARG A 314 -9.52 -24.59 -0.12
C ARG A 314 -10.82 -24.00 -0.64
N LEU A 315 -10.72 -23.12 -1.64
CA LEU A 315 -11.89 -22.84 -2.47
C LEU A 315 -11.76 -23.22 -3.99
N PRO A 316 -11.51 -24.52 -4.34
CA PRO A 316 -11.56 -25.12 -5.68
C PRO A 316 -12.90 -25.51 -6.27
N ASP A 317 -13.28 -24.77 -7.30
CA ASP A 317 -12.52 -23.59 -7.61
C ASP A 317 -13.43 -22.40 -7.68
N LEU A 318 -13.19 -21.51 -6.73
CA LEU A 318 -13.52 -20.11 -6.91
C LEU A 318 -12.30 -19.45 -7.50
N PHE A 319 -11.69 -20.12 -8.45
CA PHE A 319 -10.51 -19.61 -9.12
C PHE A 319 -10.64 -20.09 -10.53
N GLU A 320 -11.76 -20.75 -10.80
CA GLU A 320 -12.06 -21.08 -12.16
C GLU A 320 -12.73 -19.91 -12.86
N GLU A 321 -13.95 -19.53 -12.48
CA GLU A 321 -14.69 -18.44 -13.12
C GLU A 321 -13.87 -17.20 -13.40
N GLN A 322 -12.78 -17.08 -12.68
CA GLN A 322 -12.09 -15.81 -12.47
C GLN A 322 -10.71 -16.18 -11.92
N PRO A 323 -9.73 -16.38 -12.81
CA PRO A 323 -8.39 -16.69 -12.29
C PRO A 323 -7.83 -15.54 -11.46
N ASP A 324 -8.44 -14.36 -11.60
CA ASP A 324 -7.98 -13.13 -10.99
C ASP A 324 -8.77 -12.78 -9.72
N LEU A 325 -9.09 -13.79 -8.91
CA LEU A 325 -9.95 -13.57 -7.74
C LEU A 325 -9.25 -12.84 -6.61
N LEU A 326 -7.99 -13.24 -6.35
CA LEU A 326 -7.19 -12.66 -5.26
C LEU A 326 -7.19 -11.12 -5.24
N HIS A 327 -7.29 -10.50 -6.41
CA HIS A 327 -7.16 -9.06 -6.54
C HIS A 327 -8.51 -8.36 -6.66
N GLN A 328 -9.58 -9.14 -6.65
CA GLN A 328 -10.94 -8.60 -6.71
C GLN A 328 -11.40 -8.15 -5.34
N LEU A 329 -10.82 -8.74 -4.30
CA LEU A 329 -11.09 -8.36 -2.92
C LEU A 329 -12.55 -8.57 -2.51
N VAL A 330 -13.11 -9.72 -2.88
CA VAL A 330 -14.49 -10.04 -2.53
C VAL A 330 -14.57 -11.39 -1.82
N THR A 331 -13.42 -11.94 -1.45
CA THR A 331 -13.38 -13.29 -0.89
C THR A 331 -12.74 -13.34 0.49
N GLN A 332 -13.44 -13.99 1.42
CA GLN A 332 -12.93 -14.17 2.78
C GLN A 332 -12.67 -15.64 3.05
N LEU A 333 -11.56 -15.93 3.73
CA LEU A 333 -11.27 -17.29 4.15
C LEU A 333 -10.84 -17.29 5.62
N SER A 334 -11.48 -18.13 6.43
CA SER A 334 -11.25 -18.15 7.87
C SER A 334 -9.81 -18.50 8.23
N PRO A 335 -9.27 -17.82 9.26
CA PRO A 335 -7.94 -18.11 9.80
C PRO A 335 -7.85 -19.54 10.34
N ARG A 336 -8.98 -20.12 10.69
CA ARG A 336 -9.05 -21.52 11.11
C ARG A 336 -8.54 -22.43 10.01
N ILE A 337 -9.17 -22.30 8.84
CA ILE A 337 -8.83 -23.08 7.67
C ILE A 337 -7.39 -22.84 7.25
N LEU A 338 -6.95 -21.60 7.33
CA LEU A 338 -5.57 -21.24 7.02
C LEU A 338 -4.59 -21.91 7.97
N LYS A 339 -4.97 -22.03 9.25
CA LYS A 339 -4.12 -22.65 10.24
C LYS A 339 -4.04 -24.16 10.04
N GLU A 340 -5.16 -24.76 9.69
CA GLU A 340 -5.18 -26.20 9.41
C GLU A 340 -4.36 -26.53 8.17
N GLU A 341 -4.17 -25.55 7.30
CA GLU A 341 -3.38 -25.75 6.08
C GLU A 341 -1.95 -25.26 6.25
N GLY A 342 -1.61 -24.82 7.45
CA GLY A 342 -0.22 -24.50 7.78
C GLY A 342 0.22 -23.07 7.53
N VAL A 343 -0.73 -22.18 7.26
CA VAL A 343 -0.39 -20.78 7.04
C VAL A 343 -0.55 -19.98 8.34
N PRO A 344 0.54 -19.33 8.79
CA PRO A 344 0.50 -18.54 10.03
C PRO A 344 -0.33 -17.27 9.89
N VAL A 345 -1.27 -17.08 10.82
CA VAL A 345 -2.10 -15.89 10.83
C VAL A 345 -1.96 -15.18 12.16
N TYR A 346 -1.93 -13.84 12.14
CA TYR A 346 -1.81 -13.08 13.38
C TYR A 346 -2.94 -12.08 13.51
N ARG A 347 -3.30 -11.76 14.75
CA ARG A 347 -4.51 -10.98 15.02
C ARG A 347 -4.20 -9.68 15.73
N ALA A 348 -4.93 -8.63 15.38
CA ALA A 348 -4.78 -7.34 16.04
C ALA A 348 -6.14 -6.68 16.22
N VAL A 349 -6.32 -5.99 17.35
CA VAL A 349 -7.54 -5.23 17.55
C VAL A 349 -7.22 -3.74 17.59
N GLN A 350 -7.64 -3.04 16.55
CA GLN A 350 -7.36 -1.62 16.41
C GLN A 350 -8.48 -0.77 17.02
N ARG A 351 -8.14 0.05 18.01
CA ARG A 351 -9.13 0.94 18.61
C ARG A 351 -8.87 2.37 18.18
N SER A 352 -9.85 3.25 18.40
CA SER A 352 -9.75 4.62 17.92
C SER A 352 -8.56 5.35 18.53
N GLY A 353 -7.79 6.01 17.69
CA GLY A 353 -6.59 6.70 18.11
C GLY A 353 -5.35 5.85 17.92
N GLU A 354 -5.51 4.69 17.31
CA GLU A 354 -4.38 3.78 17.09
C GLU A 354 -4.09 3.53 15.62
N PHE A 355 -2.83 3.12 15.38
CA PHE A 355 -2.34 2.79 14.05
C PHE A 355 -2.22 1.28 13.84
N ILE A 356 -2.40 0.86 12.60
CA ILE A 356 -2.06 -0.49 12.14
C ILE A 356 -1.03 -0.37 11.02
N LEU A 357 0.09 -1.07 11.19
CA LEU A 357 1.13 -1.08 10.18
C LEU A 357 1.17 -2.43 9.47
N THR A 358 1.21 -2.35 8.13
CA THR A 358 1.24 -3.52 7.27
C THR A 358 2.50 -3.51 6.41
N PHE A 359 3.20 -4.65 6.41
CA PHE A 359 4.50 -4.78 5.75
C PHE A 359 4.38 -5.28 4.30
N PRO A 360 5.46 -5.11 3.50
CA PRO A 360 5.45 -5.54 2.09
C PRO A 360 5.04 -6.99 1.85
N LYS A 361 4.13 -7.18 0.90
CA LYS A 361 3.61 -8.49 0.51
C LYS A 361 2.91 -9.24 1.64
N ALA A 362 2.48 -8.51 2.67
CA ALA A 362 1.77 -9.14 3.78
C ALA A 362 0.26 -9.07 3.58
N TYR A 363 -0.35 -10.23 3.34
CA TYR A 363 -1.80 -10.29 3.18
C TYR A 363 -2.50 -9.91 4.48
N HIS A 364 -3.58 -9.15 4.35
CA HIS A 364 -4.36 -8.77 5.51
C HIS A 364 -5.85 -8.70 5.18
N SER A 365 -6.67 -8.85 6.21
CA SER A 365 -8.11 -8.74 6.08
C SER A 365 -8.69 -8.37 7.44
N GLY A 366 -10.02 -8.25 7.51
CA GLY A 366 -10.65 -7.97 8.78
C GLY A 366 -12.05 -7.41 8.69
N PHE A 367 -12.56 -6.94 9.83
CA PHE A 367 -13.92 -6.44 9.87
C PHE A 367 -14.14 -5.41 10.97
N ASN A 368 -15.25 -4.67 10.88
CA ASN A 368 -15.56 -3.63 11.86
C ASN A 368 -16.56 -4.11 12.90
N CYS A 369 -16.41 -3.60 14.13
CA CYS A 369 -17.27 -4.00 15.25
C CYS A 369 -18.43 -3.04 15.46
N GLY A 370 -18.55 -2.07 14.55
CA GLY A 370 -19.57 -1.05 14.66
C GLY A 370 -19.19 0.14 13.81
N PHE A 371 -19.93 1.23 13.94
CA PHE A 371 -19.62 2.43 13.18
C PHE A 371 -18.22 2.93 13.48
N ASN A 372 -17.43 3.14 12.43
CA ASN A 372 -16.13 3.79 12.60
C ASN A 372 -15.65 4.47 11.33
N CYS A 373 -14.60 5.28 11.49
CA CYS A 373 -14.03 6.02 10.37
C CYS A 373 -12.50 5.93 10.41
N ALA A 374 -11.92 5.32 9.39
CA ALA A 374 -10.49 5.10 9.34
C ALA A 374 -9.87 5.79 8.13
N GLU A 375 -8.55 5.98 8.17
CA GLU A 375 -7.83 6.59 7.06
C GLU A 375 -6.60 5.75 6.77
N ALA A 376 -6.28 5.55 5.49
CA ALA A 376 -5.14 4.69 5.14
C ALA A 376 -4.28 5.28 4.03
N VAL A 377 -2.97 5.08 4.13
CA VAL A 377 -2.05 5.59 3.11
C VAL A 377 -0.85 4.65 2.95
N ASN A 378 -0.18 4.73 1.81
CA ASN A 378 1.01 3.91 1.59
C ASN A 378 2.29 4.63 1.95
N VAL A 379 3.35 3.87 2.21
CA VAL A 379 4.67 4.45 2.38
C VAL A 379 5.72 3.47 1.85
N ALA A 380 6.83 4.01 1.36
CA ALA A 380 7.85 3.23 0.67
C ALA A 380 9.26 3.61 1.10
N PRO A 381 9.70 3.10 2.27
CA PRO A 381 11.10 3.27 2.65
C PRO A 381 12.00 2.48 1.71
N VAL A 382 13.30 2.75 1.75
CA VAL A 382 14.25 2.16 0.80
C VAL A 382 14.25 0.63 0.84
N ASP A 383 14.05 0.05 2.02
CA ASP A 383 14.06 -1.41 2.15
C ASP A 383 12.88 -2.07 1.42
N TRP A 384 11.90 -1.26 1.00
CA TRP A 384 10.79 -1.76 0.19
C TRP A 384 11.21 -2.01 -1.25
N LEU A 385 12.21 -1.27 -1.72
CA LEU A 385 12.59 -1.25 -3.14
C LEU A 385 12.68 -2.63 -3.77
N VAL A 386 13.44 -3.53 -3.14
CA VAL A 386 13.56 -4.91 -3.59
C VAL A 386 12.18 -5.49 -3.88
N HIS A 387 11.34 -5.54 -2.85
CA HIS A 387 9.98 -6.02 -2.99
C HIS A 387 9.29 -5.35 -4.16
N GLY A 388 9.37 -4.02 -4.19
CA GLY A 388 8.76 -3.24 -5.25
C GLY A 388 9.16 -3.77 -6.61
N GLN A 389 10.46 -3.94 -6.80
CA GLN A 389 10.98 -4.45 -8.07
C GLN A 389 10.27 -5.76 -8.38
N ASN A 390 10.35 -6.71 -7.45
CA ASN A 390 9.72 -8.01 -7.63
C ASN A 390 8.28 -7.83 -8.10
N ALA A 391 7.57 -6.95 -7.41
CA ALA A 391 6.15 -6.74 -7.68
C ALA A 391 5.92 -6.45 -9.16
N VAL A 392 6.64 -5.47 -9.70
CA VAL A 392 6.33 -5.06 -11.06
C VAL A 392 6.67 -6.20 -12.00
N GLU A 393 7.72 -6.95 -11.68
CA GLU A 393 8.10 -8.08 -12.51
C GLU A 393 6.92 -9.05 -12.51
N GLY A 394 6.39 -9.31 -11.32
CA GLY A 394 5.22 -10.16 -11.19
C GLY A 394 4.10 -9.66 -12.05
N TYR A 395 3.86 -8.35 -12.01
CA TYR A 395 2.76 -7.76 -12.77
C TYR A 395 2.98 -8.03 -14.25
N SER A 396 4.24 -7.91 -14.67
CA SER A 396 4.57 -8.14 -16.07
C SER A 396 4.23 -9.56 -16.49
N LYS A 397 4.44 -10.51 -15.58
CA LYS A 397 4.13 -11.91 -15.88
C LYS A 397 2.62 -12.12 -15.82
N GLN A 398 1.94 -11.29 -15.05
CA GLN A 398 0.50 -11.43 -14.85
C GLN A 398 -0.29 -10.67 -15.90
N ARG A 399 0.41 -9.84 -16.68
CA ARG A 399 -0.21 -8.94 -17.63
C ARG A 399 -1.21 -8.02 -16.91
N ARG A 400 -0.83 -7.56 -15.72
CA ARG A 400 -1.66 -6.64 -14.96
C ARG A 400 -1.06 -5.25 -14.95
N LYS A 401 -1.92 -4.23 -15.00
CA LYS A 401 -1.47 -2.85 -15.03
C LYS A 401 -0.94 -2.39 -13.68
N SER A 402 0.10 -1.55 -13.72
CA SER A 402 0.68 -1.00 -12.50
C SER A 402 -0.07 0.25 -12.05
N SER A 403 0.13 0.64 -10.80
CA SER A 403 -0.51 1.83 -10.24
C SER A 403 0.45 3.01 -10.19
N LEU A 404 1.74 2.72 -10.35
CA LEU A 404 2.77 3.76 -10.34
C LEU A 404 3.97 3.36 -11.19
N SER A 405 4.89 4.29 -11.38
CA SER A 405 6.11 4.04 -12.15
C SER A 405 7.29 3.74 -11.22
N HIS A 406 7.66 2.47 -11.14
CA HIS A 406 8.71 2.03 -10.21
C HIS A 406 10.08 2.61 -10.54
N ASP A 407 10.46 2.56 -11.81
CA ASP A 407 11.76 3.06 -12.25
C ASP A 407 11.90 4.55 -11.96
N LYS A 408 10.80 5.28 -12.05
CA LYS A 408 10.77 6.70 -11.74
C LYS A 408 11.14 6.94 -10.27
N LEU A 409 10.58 6.12 -9.38
CA LEU A 409 10.85 6.25 -7.96
C LEU A 409 12.28 5.84 -7.60
N LEU A 410 12.72 4.73 -8.18
CA LEU A 410 14.07 4.23 -7.96
C LEU A 410 15.12 5.26 -8.42
N LEU A 411 14.98 5.72 -9.65
CA LEU A 411 15.87 6.74 -10.20
C LEU A 411 15.82 8.02 -9.39
N GLY A 412 14.62 8.40 -8.95
CA GLY A 412 14.45 9.58 -8.13
C GLY A 412 15.25 9.50 -6.85
N ALA A 413 15.16 8.35 -6.18
CA ALA A 413 15.92 8.11 -4.96
C ALA A 413 17.42 8.15 -5.22
N ALA A 414 17.84 7.50 -6.30
CA ALA A 414 19.25 7.48 -6.67
C ALA A 414 19.80 8.89 -6.89
N MET A 415 19.03 9.72 -7.57
CA MET A 415 19.46 11.09 -7.86
C MET A 415 19.47 11.95 -6.60
N GLU A 416 18.50 11.73 -5.71
CA GLU A 416 18.47 12.47 -4.46
C GLU A 416 19.70 12.14 -3.61
N ALA A 417 20.00 10.84 -3.51
CA ALA A 417 21.17 10.38 -2.78
C ALA A 417 22.46 10.96 -3.39
N THR A 418 22.56 10.90 -4.71
CA THR A 418 23.71 11.45 -5.42
C THR A 418 23.87 12.94 -5.11
N TYR A 419 22.75 13.66 -5.06
CA TYR A 419 22.78 15.08 -4.74
C TYR A 419 23.29 15.31 -3.32
N CYS A 420 22.88 14.44 -2.39
CA CYS A 420 23.36 14.56 -1.01
C CYS A 420 24.86 14.30 -0.91
N LEU A 421 25.35 13.28 -1.60
CA LEU A 421 26.78 12.99 -1.64
C LEU A 421 27.55 14.18 -2.21
N TRP A 422 27.02 14.74 -3.30
CA TRP A 422 27.62 15.91 -3.93
C TRP A 422 27.67 17.09 -2.95
N GLU A 423 26.63 17.24 -2.14
CA GLU A 423 26.60 18.29 -1.13
C GLU A 423 27.67 18.03 -0.08
N LEU A 424 27.90 16.76 0.23
CA LEU A 424 28.96 16.40 1.17
C LEU A 424 30.34 16.74 0.60
N SER A 425 30.47 16.65 -0.71
CA SER A 425 31.72 17.00 -1.38
C SER A 425 32.13 18.46 -1.13
N LEU A 426 31.13 19.35 -1.12
CA LEU A 426 31.40 20.78 -0.96
C LEU A 426 31.41 21.20 0.51
N SER A 427 31.49 20.20 1.39
CA SER A 427 31.54 20.42 2.83
C SER A 427 30.36 21.24 3.36
N LYS A 428 29.18 21.01 2.78
CA LYS A 428 27.98 21.65 3.27
C LYS A 428 27.53 21.00 4.57
N LYS A 429 26.65 21.69 5.29
CA LYS A 429 26.14 21.19 6.56
C LYS A 429 25.57 19.79 6.43
N LYS A 430 25.99 18.88 7.30
CA LYS A 430 25.43 17.53 7.29
C LYS A 430 24.12 17.51 8.07
N THR A 431 23.05 17.16 7.37
CA THR A 431 21.71 17.15 7.94
C THR A 431 21.27 15.69 8.16
N PRO A 432 20.24 15.49 9.01
CA PRO A 432 19.70 14.13 9.21
C PRO A 432 19.25 13.46 7.90
N VAL A 433 18.68 14.25 7.00
CA VAL A 433 18.27 13.73 5.69
C VAL A 433 19.47 13.24 4.89
N ILE A 434 20.49 14.08 4.80
CA ILE A 434 21.73 13.73 4.09
C ILE A 434 22.37 12.48 4.69
N ALA A 435 22.40 12.41 6.02
CA ALA A 435 22.93 11.25 6.72
C ALA A 435 22.17 9.99 6.34
N ARG A 436 20.84 10.06 6.42
CA ARG A 436 19.98 8.93 6.10
C ARG A 436 20.20 8.45 4.68
N TRP A 437 20.31 9.38 3.74
CA TRP A 437 20.56 9.00 2.35
C TRP A 437 21.94 8.39 2.18
N LYS A 438 22.92 8.88 2.92
CA LYS A 438 24.28 8.38 2.78
C LYS A 438 24.39 6.95 3.29
N ARG A 439 23.70 6.65 4.39
CA ARG A 439 23.82 5.32 4.99
C ARG A 439 23.15 4.20 4.18
N VAL A 440 22.43 4.56 3.12
CA VAL A 440 21.83 3.54 2.26
C VAL A 440 22.49 3.46 0.88
N CYS A 441 23.54 4.25 0.66
CA CYS A 441 24.25 4.17 -0.61
C CYS A 441 25.77 4.11 -0.46
N SER A 442 26.26 2.92 -0.14
CA SER A 442 27.66 2.56 -0.35
C SER A 442 27.63 1.27 -1.15
N GLU A 443 28.72 0.51 -1.14
CA GLU A 443 28.70 -0.79 -1.82
C GLU A 443 27.66 -1.71 -1.17
N ASP A 444 27.53 -1.60 0.14
CA ASP A 444 26.64 -2.47 0.91
C ASP A 444 25.24 -1.87 1.05
N GLY A 445 25.09 -0.60 0.68
CA GLY A 445 23.82 0.10 0.83
C GLY A 445 22.68 -0.51 0.03
N LEU A 446 21.48 -0.49 0.62
CA LEU A 446 20.29 -1.08 0.01
C LEU A 446 19.91 -0.42 -1.32
N LEU A 447 19.95 0.91 -1.34
CA LEU A 447 19.64 1.68 -2.55
C LEU A 447 20.58 1.29 -3.69
N THR A 448 21.87 1.22 -3.37
CA THR A 448 22.87 0.86 -4.37
C THR A 448 22.60 -0.52 -4.95
N LYS A 449 22.21 -1.46 -4.10
CA LYS A 449 21.89 -2.81 -4.53
C LYS A 449 20.68 -2.80 -5.47
N ALA A 450 19.65 -2.04 -5.10
CA ALA A 450 18.46 -1.92 -5.93
C ALA A 450 18.79 -1.38 -7.32
N VAL A 451 19.48 -0.23 -7.35
CA VAL A 451 19.87 0.42 -8.59
C VAL A 451 20.73 -0.48 -9.47
N LYS A 452 21.74 -1.10 -8.87
CA LYS A 452 22.64 -2.00 -9.58
C LYS A 452 21.88 -3.16 -10.19
N LYS A 453 20.97 -3.75 -9.41
CA LYS A 453 20.13 -4.84 -9.89
C LYS A 453 19.33 -4.42 -11.13
N ARG A 454 18.66 -3.27 -11.02
CA ARG A 454 17.88 -2.72 -12.13
C ARG A 454 18.73 -2.52 -13.38
N VAL A 455 19.90 -1.92 -13.20
CA VAL A 455 20.81 -1.65 -14.32
C VAL A 455 21.26 -2.95 -14.98
N GLN A 456 21.54 -3.97 -14.18
CA GLN A 456 21.91 -5.27 -14.71
C GLN A 456 20.77 -5.85 -15.55
N MET A 457 19.54 -5.71 -15.06
CA MET A 457 18.37 -6.13 -15.82
C MET A 457 18.32 -5.44 -17.18
N GLU A 458 18.50 -4.12 -17.17
CA GLU A 458 18.51 -3.36 -18.43
C GLU A 458 19.62 -3.83 -19.37
N GLU A 459 20.79 -4.11 -18.86
CA GLU A 459 21.87 -4.55 -19.70
C GLU A 459 21.60 -5.87 -20.37
N GLU A 460 21.06 -6.79 -19.61
CA GLU A 460 20.72 -8.06 -20.14
C GLU A 460 19.65 -7.98 -21.20
N ARG A 461 18.63 -7.18 -20.96
CA ARG A 461 17.57 -7.00 -21.92
C ARG A 461 18.06 -6.33 -23.16
N LEU A 462 18.91 -5.34 -23.00
CA LEU A 462 19.45 -4.66 -24.13
C LEU A 462 20.28 -5.57 -25.00
N ASN A 463 21.05 -6.42 -24.36
CA ASN A 463 21.91 -7.32 -25.09
C ASN A 463 21.12 -8.26 -25.95
N HIS A 464 19.97 -8.69 -25.45
CA HIS A 464 19.12 -9.60 -26.18
C HIS A 464 18.56 -9.05 -27.47
N LEU A 465 18.48 -7.75 -27.59
CA LEU A 465 18.08 -7.15 -28.83
C LEU A 465 19.07 -6.14 -29.42
N GLN A 466 18.53 -5.14 -30.09
CA GLN A 466 19.31 -4.14 -30.79
C GLN A 466 20.22 -4.76 -31.88
N ASP A 467 19.69 -5.79 -32.54
CA ASP A 467 20.32 -6.29 -33.74
C ASP A 467 19.77 -5.42 -34.85
N GLY A 468 20.40 -4.28 -35.04
CA GLY A 468 19.89 -3.29 -35.96
C GLY A 468 18.80 -2.40 -35.40
N PHE A 469 18.53 -2.51 -34.10
CA PHE A 469 17.42 -1.78 -33.53
C PHE A 469 17.49 -0.26 -33.59
N SER A 470 18.63 0.32 -33.32
CA SER A 470 18.71 1.77 -33.32
C SER A 470 18.09 2.35 -32.06
N LEU A 471 18.55 3.51 -31.63
CA LEU A 471 18.20 4.06 -30.35
C LEU A 471 17.93 5.52 -30.49
N ARG A 472 17.02 6.01 -29.69
CA ARG A 472 16.65 7.43 -29.65
C ARG A 472 16.49 7.89 -28.20
N LYS A 473 17.01 9.09 -27.91
CA LYS A 473 16.88 9.67 -26.57
C LYS A 473 15.47 10.21 -26.35
N MET A 474 14.94 10.03 -25.14
CA MET A 474 13.62 10.53 -24.81
C MET A 474 13.63 12.05 -24.72
N ARG A 484 2.86 5.75 -20.79
CA ARG A 484 3.60 4.81 -21.63
C ARG A 484 3.69 3.43 -21.00
N GLU A 485 2.86 2.51 -21.47
CA GLU A 485 2.88 1.13 -20.98
C GLU A 485 3.15 0.15 -22.11
N CYS A 486 3.70 -1.01 -21.78
CA CYS A 486 3.86 -2.07 -22.75
C CYS A 486 2.49 -2.50 -23.26
N PHE A 487 2.34 -2.59 -24.58
CA PHE A 487 1.05 -2.92 -25.18
C PHE A 487 0.57 -4.29 -24.74
N LEU A 488 1.50 -5.16 -24.38
CA LEU A 488 1.19 -6.55 -24.08
C LEU A 488 1.07 -6.84 -22.58
N CYS A 489 2.07 -6.45 -21.81
CA CYS A 489 2.11 -6.79 -20.39
C CYS A 489 1.99 -5.58 -19.46
N PHE A 490 1.76 -4.40 -20.05
CA PHE A 490 1.46 -3.18 -19.31
C PHE A 490 2.59 -2.73 -18.39
N TYR A 491 3.78 -3.27 -18.59
CA TYR A 491 5.00 -2.85 -17.90
C TYR A 491 5.22 -1.36 -18.11
N ASP A 492 5.48 -0.63 -17.01
CA ASP A 492 5.72 0.81 -17.11
C ASP A 492 7.03 1.09 -17.83
N LEU A 493 7.01 2.01 -18.78
CA LEU A 493 8.14 2.24 -19.67
C LEU A 493 8.87 3.55 -19.41
N HIS A 494 9.07 3.87 -18.14
CA HIS A 494 9.74 5.12 -17.77
C HIS A 494 11.19 5.14 -18.24
N MET A 495 11.86 4.00 -18.14
CA MET A 495 13.29 3.91 -18.45
C MET A 495 13.54 3.69 -19.94
N SER A 496 12.82 2.74 -20.53
CA SER A 496 13.03 2.38 -21.93
C SER A 496 11.75 1.87 -22.58
N ALA A 497 11.65 2.04 -23.89
CA ALA A 497 10.47 1.59 -24.63
C ALA A 497 10.81 1.26 -26.07
N SER A 498 10.46 0.06 -26.52
CA SER A 498 10.72 -0.34 -27.89
C SER A 498 9.52 -0.03 -28.80
N SER A 499 9.79 0.53 -29.97
CA SER A 499 8.74 0.89 -30.91
C SER A 499 9.20 0.68 -32.35
N CYS A 500 8.31 0.97 -33.30
CA CYS A 500 8.62 0.80 -34.71
C CYS A 500 8.04 1.94 -35.55
N LYS A 501 8.50 2.04 -36.79
CA LYS A 501 8.03 3.07 -37.70
C LYS A 501 6.56 2.88 -38.03
N CYS A 502 6.18 1.63 -38.25
CA CYS A 502 4.81 1.26 -38.62
C CYS A 502 3.81 1.69 -37.56
N SER A 503 4.14 1.42 -36.30
CA SER A 503 3.24 1.73 -35.20
C SER A 503 3.89 2.69 -34.21
N PRO A 504 3.78 3.99 -34.49
CA PRO A 504 4.16 4.99 -33.49
C PRO A 504 3.07 5.03 -32.43
N ASN A 505 3.33 5.69 -31.31
CA ASN A 505 2.33 5.83 -30.25
C ASN A 505 1.87 4.46 -29.70
N ARG A 506 2.63 3.43 -30.02
CA ARG A 506 2.40 2.09 -29.47
C ARG A 506 3.75 1.49 -29.11
N PHE A 507 3.87 1.01 -27.88
CA PHE A 507 5.18 0.61 -27.37
C PHE A 507 5.19 -0.77 -26.72
N ALA A 508 6.38 -1.31 -26.58
CA ALA A 508 6.59 -2.59 -25.91
C ALA A 508 7.79 -2.50 -24.98
N CYS A 509 7.76 -3.26 -23.89
CA CYS A 509 8.92 -3.35 -23.01
C CYS A 509 10.01 -4.12 -23.73
N LEU A 510 11.23 -4.05 -23.22
CA LEU A 510 12.37 -4.68 -23.89
C LEU A 510 12.26 -6.20 -23.93
N ILE A 511 11.44 -6.76 -23.04
CA ILE A 511 11.20 -8.20 -23.04
C ILE A 511 10.34 -8.61 -24.24
N HIS A 512 9.35 -7.77 -24.55
CA HIS A 512 8.41 -8.06 -25.63
C HIS A 512 8.64 -7.16 -26.83
N ALA A 513 9.89 -6.72 -27.02
CA ALA A 513 10.25 -5.86 -28.13
C ALA A 513 9.99 -6.55 -29.47
N LYS A 514 10.28 -7.84 -29.53
CA LYS A 514 10.09 -8.63 -30.75
C LYS A 514 8.62 -8.91 -31.03
N ASP A 515 7.80 -8.91 -29.99
CA ASP A 515 6.39 -9.24 -30.13
C ASP A 515 5.59 -8.05 -30.66
N LEU A 516 6.21 -6.90 -30.75
CA LEU A 516 5.48 -5.73 -31.17
C LEU A 516 4.91 -5.70 -32.58
N CYS A 517 5.73 -6.04 -33.56
CA CYS A 517 5.42 -5.72 -34.94
C CYS A 517 5.49 -6.83 -35.95
N SER A 518 6.65 -7.47 -36.00
CA SER A 518 7.10 -8.31 -37.10
C SER A 518 7.85 -7.63 -38.26
N CYS A 519 8.17 -6.36 -38.13
CA CYS A 519 8.91 -5.67 -39.16
C CYS A 519 10.39 -5.95 -39.12
N GLU A 520 11.08 -5.55 -40.17
CA GLU A 520 12.53 -5.72 -40.24
C GLU A 520 13.21 -4.79 -39.28
N SER A 521 14.43 -5.12 -38.93
CA SER A 521 15.20 -4.48 -37.88
C SER A 521 15.46 -3.01 -38.14
N LYS A 522 15.50 -2.64 -39.41
CA LYS A 522 15.80 -1.30 -39.88
C LYS A 522 14.74 -0.31 -39.42
N ASP A 523 13.53 -0.80 -39.19
CA ASP A 523 12.40 0.05 -38.82
C ASP A 523 12.14 0.05 -37.32
N ARG A 524 12.70 -0.94 -36.62
CA ARG A 524 12.58 -1.00 -35.17
C ARG A 524 13.45 0.09 -34.54
N TYR A 525 13.16 0.42 -33.28
CA TYR A 525 14.02 1.32 -32.50
C TYR A 525 13.62 1.37 -31.03
N ILE A 526 14.46 2.01 -30.22
CA ILE A 526 14.25 2.06 -28.78
C ILE A 526 14.41 3.45 -28.18
N LEU A 527 13.32 3.98 -27.62
CA LEU A 527 13.37 5.14 -26.75
C LEU A 527 14.11 4.79 -25.48
N ILE A 528 15.10 5.61 -25.13
CA ILE A 528 15.90 5.37 -23.94
C ILE A 528 16.17 6.66 -23.19
N ARG A 529 15.92 6.65 -21.89
CA ARG A 529 16.08 7.83 -21.04
C ARG A 529 17.54 8.05 -20.67
N HIS A 530 18.24 6.96 -20.34
CA HIS A 530 19.65 7.02 -20.00
C HIS A 530 20.44 5.94 -20.72
N THR A 531 21.57 6.33 -21.30
CA THR A 531 22.47 5.35 -21.90
C THR A 531 22.97 4.40 -20.81
N LEU A 532 23.42 3.22 -21.21
CA LEU A 532 23.82 2.20 -20.25
C LEU A 532 25.01 2.64 -19.41
N ASP A 533 25.95 3.33 -20.05
CA ASP A 533 27.13 3.83 -19.36
C ASP A 533 26.77 4.91 -18.34
N GLU A 534 25.71 5.67 -18.63
CA GLU A 534 25.20 6.65 -17.68
C GLU A 534 24.65 5.96 -16.43
N LEU A 535 23.95 4.85 -16.63
CA LEU A 535 23.38 4.09 -15.54
C LEU A 535 24.48 3.47 -14.67
N TRP A 536 25.47 2.86 -15.33
CA TRP A 536 26.60 2.29 -14.61
C TRP A 536 27.35 3.39 -13.85
N ALA A 537 27.40 4.58 -14.46
CA ALA A 537 27.97 5.74 -13.78
C ALA A 537 27.17 6.08 -12.54
N LEU A 538 25.85 5.92 -12.60
CA LEU A 538 24.99 6.16 -11.44
C LEU A 538 25.34 5.18 -10.33
N VAL A 539 25.47 3.91 -10.69
CA VAL A 539 25.87 2.88 -9.75
C VAL A 539 27.20 3.24 -9.07
N ARG A 540 28.17 3.66 -9.88
CA ARG A 540 29.47 4.07 -9.35
C ARG A 540 29.35 5.27 -8.42
N ALA A 541 28.47 6.20 -8.77
CA ALA A 541 28.26 7.41 -7.98
C ALA A 541 27.73 7.06 -6.61
N LEU A 542 26.78 6.13 -6.55
CA LEU A 542 26.27 5.64 -5.28
C LEU A 542 27.38 4.99 -4.46
N GLU A 543 28.37 4.42 -5.16
CA GLU A 543 29.51 3.80 -4.52
C GLU A 543 30.58 4.82 -4.14
N GLY A 544 30.41 6.05 -4.62
CA GLY A 544 31.22 7.16 -4.15
C GLY A 544 32.30 7.68 -5.07
N ASP A 545 32.11 7.55 -6.38
CA ASP A 545 33.04 8.15 -7.33
C ASP A 545 32.66 9.59 -7.62
N LEU A 546 33.57 10.51 -7.31
CA LEU A 546 33.28 11.94 -7.33
C LEU A 546 32.95 12.46 -8.73
N ASP A 547 33.53 11.87 -9.76
CA ASP A 547 33.24 12.29 -11.13
C ASP A 547 31.85 11.85 -11.55
N ALA A 548 31.48 10.63 -11.18
CA ALA A 548 30.14 10.12 -11.43
C ALA A 548 29.11 10.91 -10.64
N ILE A 549 29.43 11.19 -9.37
CA ILE A 549 28.60 12.01 -8.51
C ILE A 549 28.38 13.38 -9.12
N ASP A 550 29.47 14.00 -9.58
CA ASP A 550 29.42 15.29 -10.25
C ASP A 550 28.54 15.24 -11.49
N LEU A 551 28.63 14.14 -12.23
CA LEU A 551 27.85 13.98 -13.45
C LEU A 551 26.36 13.91 -13.16
N TRP A 552 25.96 13.00 -12.28
CA TRP A 552 24.55 12.80 -12.00
C TRP A 552 23.94 13.93 -11.17
N ALA A 553 24.77 14.68 -10.47
CA ALA A 553 24.30 15.84 -9.72
C ALA A 553 23.79 16.93 -10.66
N SER A 554 24.25 16.88 -11.91
CA SER A 554 23.87 17.87 -12.91
C SER A 554 22.56 17.53 -13.62
N LYS A 555 21.87 16.51 -13.13
CA LYS A 555 20.60 16.10 -13.73
C LYS A 555 19.44 16.35 -12.79
NI NI B . -4.96 -2.70 2.77
ZN ZN C . 6.04 -6.28 -22.04
ZN ZN D . 6.73 -2.52 -37.01
#